data_2M1P
#
_entry.id   2M1P
#
_entity_poly.entity_id   1
_entity_poly.type   'polypeptide(L)'
_entity_poly.pdbx_seq_one_letter_code
;GVCR(ABA)VCRRGVCR(ABA)VCRR
;
_entity_poly.pdbx_strand_id   A
#
# COMPACT_ATOMS: atom_id res chain seq x y z
N GLY A 1 11.44 2.70 3.05
CA GLY A 1 11.10 3.38 4.28
C GLY A 1 9.75 4.06 4.24
N VAL A 2 9.13 4.08 3.09
CA VAL A 2 7.86 4.76 2.96
C VAL A 2 6.76 3.74 2.70
N CYS A 3 5.88 3.58 3.64
CA CYS A 3 4.78 2.67 3.46
C CYS A 3 3.61 3.39 2.85
N ARG A 4 3.18 2.87 1.75
CA ARG A 4 2.11 3.46 0.97
C ARG A 4 0.95 2.49 0.86
N ABA A 5 -0.21 2.94 1.29
CA ABA A 5 -1.40 2.14 1.18
C ABA A 5 -2.05 2.36 -0.17
O ABA A 5 -2.38 3.50 -0.53
CB ABA A 5 -2.37 2.44 2.32
CG ABA A 5 -3.62 1.56 2.33
H ABA A 5 -0.26 3.82 1.70
HA ABA A 5 -1.12 1.09 1.23
HB3 ABA A 5 -2.69 3.47 2.25
HB2 ABA A 5 -1.87 2.30 3.26
HG1 ABA A 5 -4.25 1.83 3.17
HG3 ABA A 5 -3.32 0.53 2.41
HG2 ABA A 5 -4.17 1.72 1.41
N VAL A 6 -2.17 1.31 -0.92
CA VAL A 6 -2.81 1.34 -2.20
C VAL A 6 -4.01 0.39 -2.16
N CYS A 7 -5.15 0.88 -2.52
CA CYS A 7 -6.33 0.07 -2.48
C CYS A 7 -6.74 -0.31 -3.88
N ARG A 8 -7.00 -1.58 -4.07
CA ARG A 8 -7.41 -2.09 -5.36
C ARG A 8 -8.51 -3.10 -5.16
N ARG A 9 -9.66 -2.83 -5.78
CA ARG A 9 -10.86 -3.68 -5.70
C ARG A 9 -11.37 -3.72 -4.25
N GLY A 10 -11.13 -2.63 -3.54
CA GLY A 10 -11.52 -2.55 -2.16
C GLY A 10 -10.55 -3.23 -1.23
N VAL A 11 -9.49 -3.76 -1.79
CA VAL A 11 -8.49 -4.45 -1.01
C VAL A 11 -7.35 -3.49 -0.80
N CYS A 12 -7.15 -3.07 0.41
CA CYS A 12 -6.10 -2.15 0.69
C CYS A 12 -4.86 -2.86 1.08
N ARG A 13 -3.82 -2.56 0.37
CA ARG A 13 -2.54 -3.15 0.60
C ARG A 13 -1.51 -2.07 0.89
N ABA A 14 -0.84 -2.19 1.98
CA ABA A 14 0.20 -1.27 2.32
C ABA A 14 1.54 -1.85 1.87
O ABA A 14 2.03 -2.81 2.46
CB ABA A 14 0.19 -0.97 3.82
CG ABA A 14 1.19 0.09 4.23
H ABA A 14 -1.04 -2.93 2.61
HA ABA A 14 0.05 -0.36 1.77
HB3 ABA A 14 0.42 -1.87 4.35
HB2 ABA A 14 -0.80 -0.63 4.11
HG1 ABA A 14 1.11 0.26 5.29
HG3 ABA A 14 0.97 1.01 3.71
HG2 ABA A 14 2.18 -0.24 3.99
N VAL A 15 2.05 -1.30 0.81
CA VAL A 15 3.34 -1.72 0.29
C VAL A 15 4.38 -0.75 0.81
N CYS A 16 5.51 -1.24 1.18
CA CYS A 16 6.51 -0.37 1.72
C CYS A 16 7.67 -0.27 0.78
N ARG A 17 8.10 0.94 0.52
CA ARG A 17 9.11 1.19 -0.45
C ARG A 17 10.11 2.19 0.09
N ARG A 18 11.31 1.67 0.38
CA ARG A 18 12.46 2.44 0.87
C ARG A 18 12.08 3.31 2.09
N GLY A 1 11.25 2.36 2.65
CA GLY A 1 10.93 2.65 4.02
C GLY A 1 9.69 3.50 4.17
N VAL A 2 9.04 3.80 3.06
CA VAL A 2 7.86 4.62 3.04
C VAL A 2 6.68 3.72 2.82
N CYS A 3 5.72 3.79 3.66
CA CYS A 3 4.59 2.94 3.50
C CYS A 3 3.48 3.64 2.82
N ARG A 4 3.04 3.05 1.77
CA ARG A 4 1.96 3.57 0.98
C ARG A 4 0.82 2.55 0.98
N ABA A 5 -0.31 2.97 1.43
CA ABA A 5 -1.47 2.13 1.44
C ABA A 5 -2.18 2.26 0.10
O ABA A 5 -2.96 3.20 -0.12
CB ABA A 5 -2.40 2.52 2.60
CG ABA A 5 -3.62 1.63 2.75
H ABA A 5 -0.40 3.88 1.78
HA ABA A 5 -1.15 1.11 1.56
HB3 ABA A 5 -2.74 3.53 2.46
HB2 ABA A 5 -1.84 2.47 3.52
HG1 ABA A 5 -4.21 1.97 3.58
HG3 ABA A 5 -3.31 0.61 2.93
HG2 ABA A 5 -4.20 1.68 1.85
N VAL A 6 -1.86 1.37 -0.82
CA VAL A 6 -2.46 1.40 -2.13
C VAL A 6 -3.73 0.58 -2.09
N CYS A 7 -4.74 0.95 -2.79
CA CYS A 7 -5.95 0.20 -2.70
C CYS A 7 -6.42 -0.25 -4.07
N ARG A 8 -6.90 -1.47 -4.13
CA ARG A 8 -7.40 -2.04 -5.37
C ARG A 8 -8.43 -3.11 -5.11
N ARG A 9 -9.58 -2.96 -5.75
CA ARG A 9 -10.72 -3.88 -5.65
C ARG A 9 -11.24 -3.94 -4.22
N GLY A 10 -11.12 -2.81 -3.54
CA GLY A 10 -11.58 -2.70 -2.16
C GLY A 10 -10.55 -3.21 -1.18
N VAL A 11 -9.43 -3.68 -1.68
CA VAL A 11 -8.40 -4.25 -0.86
C VAL A 11 -7.24 -3.29 -0.77
N CYS A 12 -6.93 -2.85 0.40
CA CYS A 12 -5.81 -1.97 0.56
C CYS A 12 -4.59 -2.73 1.01
N ARG A 13 -3.57 -2.59 0.24
CA ARG A 13 -2.32 -3.23 0.48
C ARG A 13 -1.30 -2.19 0.92
N ABA A 14 -0.72 -2.38 2.07
CA ABA A 14 0.31 -1.51 2.55
C ABA A 14 1.63 -1.89 1.91
O ABA A 14 2.27 -2.87 2.29
CB ABA A 14 0.41 -1.56 4.08
CG ABA A 14 1.40 -0.55 4.66
H ABA A 14 -0.97 -3.16 2.61
HA ABA A 14 0.06 -0.50 2.24
HB3 ABA A 14 0.73 -2.54 4.38
HB2 ABA A 14 -0.56 -1.35 4.51
HG1 ABA A 14 1.07 0.46 4.44
HG3 ABA A 14 2.37 -0.72 4.22
HG2 ABA A 14 1.46 -0.69 5.72
N VAL A 15 1.99 -1.17 0.90
CA VAL A 15 3.20 -1.39 0.18
C VAL A 15 4.25 -0.48 0.75
N CYS A 16 5.18 -1.04 1.46
CA CYS A 16 6.24 -0.24 1.98
C CYS A 16 7.41 -0.32 1.04
N ARG A 17 7.84 0.81 0.60
CA ARG A 17 8.88 0.93 -0.37
C ARG A 17 9.78 2.07 0.02
N ARG A 18 11.07 1.80 0.05
CA ARG A 18 12.12 2.77 0.43
C ARG A 18 11.90 3.22 1.89
N GLY A 1 11.14 2.11 3.46
CA GLY A 1 10.59 2.51 4.73
C GLY A 1 9.40 3.45 4.58
N VAL A 2 9.07 3.81 3.36
CA VAL A 2 7.97 4.69 3.11
C VAL A 2 6.81 3.84 2.64
N CYS A 3 5.77 3.81 3.40
CA CYS A 3 4.67 2.97 3.08
C CYS A 3 3.58 3.69 2.32
N ARG A 4 3.20 3.10 1.23
CA ARG A 4 2.16 3.57 0.36
C ARG A 4 0.97 2.60 0.47
N ABA A 5 -0.17 3.08 0.85
CA ABA A 5 -1.35 2.25 0.95
C ABA A 5 -2.23 2.50 -0.27
O ABA A 5 -2.77 3.58 -0.44
CB ABA A 5 -2.11 2.53 2.26
CG ABA A 5 -3.33 1.66 2.46
H ABA A 5 -0.27 4.03 1.07
HA ABA A 5 -1.04 1.22 0.93
HB3 ABA A 5 -2.43 3.57 2.25
HB2 ABA A 5 -1.45 2.38 3.09
HG1 ABA A 5 -3.83 1.92 3.39
HG3 ABA A 5 -3.03 0.62 2.49
HG2 ABA A 5 -4.02 1.81 1.64
N VAL A 6 -2.32 1.52 -1.12
CA VAL A 6 -3.15 1.59 -2.29
C VAL A 6 -4.32 0.63 -2.15
N CYS A 7 -5.49 1.11 -2.34
CA CYS A 7 -6.64 0.26 -2.23
C CYS A 7 -7.09 -0.16 -3.60
N ARG A 8 -7.17 -1.44 -3.79
CA ARG A 8 -7.50 -1.98 -5.06
C ARG A 8 -8.49 -3.10 -4.94
N ARG A 9 -9.64 -2.89 -5.55
CA ARG A 9 -10.74 -3.83 -5.58
C ARG A 9 -11.23 -4.16 -4.16
N GLY A 10 -11.15 -3.15 -3.33
CA GLY A 10 -11.62 -3.27 -1.97
C GLY A 10 -10.54 -3.65 -1.00
N VAL A 11 -9.37 -4.00 -1.49
CA VAL A 11 -8.31 -4.44 -0.63
C VAL A 11 -7.23 -3.38 -0.55
N CYS A 12 -7.04 -2.85 0.62
CA CYS A 12 -5.98 -1.92 0.80
C CYS A 12 -4.70 -2.64 1.07
N ARG A 13 -3.82 -2.45 0.16
CA ARG A 13 -2.52 -3.07 0.17
C ARG A 13 -1.48 -2.00 0.44
N ABA A 14 -0.75 -2.19 1.48
CA ABA A 14 0.30 -1.30 1.85
C ABA A 14 1.59 -1.88 1.32
O ABA A 14 1.95 -3.02 1.64
CB ABA A 14 0.35 -1.14 3.37
CG ABA A 14 1.39 -0.17 3.85
H ABA A 14 -0.96 -2.94 2.07
HA ABA A 14 0.13 -0.34 1.39
HB3 ABA A 14 0.54 -2.10 3.82
HB2 ABA A 14 -0.62 -0.79 3.72
HG1 ABA A 14 1.36 -0.11 4.93
HG3 ABA A 14 1.20 0.81 3.44
HG2 ABA A 14 2.37 -0.51 3.54
N VAL A 15 2.22 -1.13 0.46
CA VAL A 15 3.50 -1.49 -0.07
C VAL A 15 4.53 -0.51 0.47
N CYS A 16 5.59 -0.99 1.00
CA CYS A 16 6.56 -0.12 1.59
C CYS A 16 7.82 -0.10 0.78
N ARG A 17 8.29 1.09 0.47
CA ARG A 17 9.46 1.28 -0.34
C ARG A 17 10.43 2.14 0.41
N ARG A 18 11.52 1.55 0.84
CA ARG A 18 12.62 2.23 1.54
C ARG A 18 12.11 2.80 2.89
N GLY A 1 11.64 3.13 3.41
CA GLY A 1 11.17 3.73 4.64
C GLY A 1 9.80 4.38 4.49
N VAL A 2 9.19 4.24 3.33
CA VAL A 2 7.91 4.87 3.06
C VAL A 2 6.88 3.81 2.72
N CYS A 3 5.78 3.85 3.41
CA CYS A 3 4.72 2.95 3.11
C CYS A 3 3.71 3.59 2.21
N ARG A 4 3.40 2.90 1.18
CA ARG A 4 2.42 3.32 0.22
C ARG A 4 1.26 2.35 0.28
N ABA A 5 0.10 2.85 0.58
CA ABA A 5 -1.06 2.00 0.68
C ABA A 5 -2.02 2.34 -0.43
O ABA A 5 -2.53 3.46 -0.51
CB ABA A 5 -1.73 2.16 2.06
CG ABA A 5 -2.96 1.28 2.26
H ABA A 5 0.01 3.80 0.76
HA ABA A 5 -0.74 0.99 0.57
HB3 ABA A 5 -2.05 3.19 2.18
HB2 ABA A 5 -1.03 1.92 2.83
HG1 ABA A 5 -3.71 1.52 1.51
HG3 ABA A 5 -3.36 1.44 3.24
HG2 ABA A 5 -2.67 0.24 2.15
N VAL A 6 -2.23 1.40 -1.30
CA VAL A 6 -3.12 1.56 -2.40
C VAL A 6 -4.27 0.58 -2.25
N CYS A 7 -5.45 1.04 -2.42
CA CYS A 7 -6.59 0.18 -2.29
C CYS A 7 -7.19 -0.08 -3.64
N ARG A 8 -7.59 -1.31 -3.87
CA ARG A 8 -8.15 -1.71 -5.13
C ARG A 8 -9.11 -2.84 -4.92
N ARG A 9 -10.28 -2.75 -5.54
CA ARG A 9 -11.35 -3.75 -5.43
C ARG A 9 -11.82 -3.86 -3.97
N GLY A 10 -11.62 -2.80 -3.24
CA GLY A 10 -11.97 -2.77 -1.84
C GLY A 10 -10.88 -3.34 -0.95
N VAL A 11 -9.81 -3.83 -1.54
CA VAL A 11 -8.75 -4.47 -0.81
C VAL A 11 -7.57 -3.51 -0.72
N CYS A 12 -7.10 -3.27 0.46
CA CYS A 12 -5.98 -2.38 0.60
C CYS A 12 -4.67 -3.12 0.67
N ARG A 13 -3.75 -2.66 -0.12
CA ARG A 13 -2.44 -3.24 -0.22
C ARG A 13 -1.40 -2.26 0.29
N ABA A 14 -0.60 -2.72 1.22
CA ABA A 14 0.43 -1.89 1.80
C ABA A 14 1.79 -2.29 1.22
O ABA A 14 2.24 -3.43 1.39
CB ABA A 14 0.42 -2.02 3.33
CG ABA A 14 1.41 -1.11 4.03
H ABA A 14 -0.67 -3.64 1.53
HA ABA A 14 0.23 -0.86 1.53
HB3 ABA A 14 0.65 -3.04 3.59
HB2 ABA A 14 -0.56 -1.78 3.69
HG1 ABA A 14 2.41 -1.34 3.69
HG3 ABA A 14 1.34 -1.25 5.09
HG2 ABA A 14 1.19 -0.08 3.79
N VAL A 15 2.39 -1.39 0.51
CA VAL A 15 3.69 -1.59 -0.08
C VAL A 15 4.68 -0.67 0.61
N CYS A 16 5.54 -1.22 1.42
CA CYS A 16 6.50 -0.40 2.13
C CYS A 16 7.86 -0.55 1.53
N ARG A 17 8.53 0.56 1.28
CA ARG A 17 9.86 0.56 0.71
C ARG A 17 10.53 1.88 0.90
N ARG A 18 11.84 1.84 1.11
CA ARG A 18 12.71 3.02 1.28
C ARG A 18 12.31 3.82 2.53
N GLY A 1 11.07 2.75 3.22
CA GLY A 1 10.53 3.29 4.45
C GLY A 1 9.23 4.05 4.22
N VAL A 2 8.79 4.10 2.99
CA VAL A 2 7.57 4.79 2.65
C VAL A 2 6.49 3.76 2.44
N CYS A 3 5.58 3.70 3.35
CA CYS A 3 4.50 2.78 3.26
C CYS A 3 3.35 3.41 2.56
N ARG A 4 2.97 2.79 1.49
CA ARG A 4 1.87 3.26 0.69
C ARG A 4 0.77 2.21 0.64
N ABA A 5 -0.43 2.62 1.01
CA ABA A 5 -1.58 1.74 0.99
C ABA A 5 -2.28 1.83 -0.36
O ABA A 5 -3.15 2.67 -0.56
CB ABA A 5 -2.55 2.10 2.12
CG ABA A 5 -1.95 1.99 3.51
H ABA A 5 -0.56 3.55 1.29
HA ABA A 5 -1.23 0.73 1.14
HB3 ABA A 5 -3.40 1.44 2.07
HB2 ABA A 5 -2.88 3.12 1.99
HG1 ABA A 5 -1.08 2.65 3.57
HG3 ABA A 5 -1.65 0.98 3.69
HG2 ABA A 5 -2.67 2.30 4.25
N VAL A 6 -1.90 0.97 -1.25
CA VAL A 6 -2.47 0.93 -2.58
C VAL A 6 -3.77 0.13 -2.51
N CYS A 7 -4.86 0.81 -2.60
CA CYS A 7 -6.13 0.15 -2.49
C CYS A 7 -6.69 -0.14 -3.86
N ARG A 8 -6.98 -1.39 -4.07
CA ARG A 8 -7.57 -1.86 -5.30
C ARG A 8 -8.70 -2.80 -4.99
N ARG A 9 -9.90 -2.45 -5.47
CA ARG A 9 -11.11 -3.26 -5.28
C ARG A 9 -11.45 -3.36 -3.77
N GLY A 10 -11.12 -2.32 -3.06
CA GLY A 10 -11.36 -2.27 -1.64
C GLY A 10 -10.36 -3.06 -0.85
N VAL A 11 -9.31 -3.51 -1.52
CA VAL A 11 -8.26 -4.25 -0.88
C VAL A 11 -7.07 -3.35 -0.80
N CYS A 12 -6.77 -2.92 0.37
CA CYS A 12 -5.65 -2.05 0.56
C CYS A 12 -4.43 -2.81 0.86
N ARG A 13 -3.50 -2.69 -0.01
CA ARG A 13 -2.24 -3.35 0.19
C ARG A 13 -1.20 -2.31 0.59
N ABA A 14 -0.61 -2.49 1.75
CA ABA A 14 0.38 -1.56 2.24
C ABA A 14 1.75 -2.03 1.81
O ABA A 14 2.34 -2.93 2.44
CB ABA A 14 0.28 -1.43 3.76
CG ABA A 14 1.24 -0.39 4.35
H ABA A 14 -0.85 -3.26 2.31
HA ABA A 14 0.18 -0.60 1.78
HB3 ABA A 14 0.52 -2.39 4.21
HB2 ABA A 14 -0.72 -1.15 4.03
HG1 ABA A 14 1.12 -0.36 5.42
HG3 ABA A 14 1.01 0.57 3.92
HG2 ABA A 14 2.25 -0.67 4.11
N VAL A 15 2.24 -1.48 0.75
CA VAL A 15 3.56 -1.79 0.28
C VAL A 15 4.52 -0.76 0.82
N CYS A 16 5.52 -1.20 1.50
CA CYS A 16 6.48 -0.28 2.02
C CYS A 16 7.71 -0.29 1.14
N ARG A 17 8.07 0.87 0.69
CA ARG A 17 9.17 1.03 -0.24
C ARG A 17 10.07 2.13 0.27
N ARG A 18 11.28 1.78 0.68
CA ARG A 18 12.29 2.75 1.14
C ARG A 18 11.80 3.47 2.41
N GLY A 1 11.02 2.31 4.24
CA GLY A 1 10.20 2.67 5.38
C GLY A 1 9.07 3.63 5.02
N VAL A 2 8.95 3.93 3.74
CA VAL A 2 7.91 4.79 3.26
C VAL A 2 6.85 3.91 2.66
N CYS A 3 5.68 3.98 3.16
CA CYS A 3 4.67 3.09 2.70
C CYS A 3 3.66 3.75 1.81
N ARG A 4 3.35 3.07 0.75
CA ARG A 4 2.34 3.50 -0.18
C ARG A 4 1.20 2.50 -0.15
N ABA A 5 0.02 2.97 0.20
CA ABA A 5 -1.13 2.12 0.29
C ABA A 5 -2.09 2.38 -0.85
O ABA A 5 -2.60 3.50 -0.99
CB ABA A 5 -1.83 2.32 1.65
CG ABA A 5 -3.03 1.41 1.87
H ABA A 5 -0.08 3.93 0.39
HA ABA A 5 -0.81 1.09 0.22
HB3 ABA A 5 -2.17 3.34 1.72
HB2 ABA A 5 -1.12 2.14 2.45
HG1 ABA A 5 -3.76 1.59 1.10
HG3 ABA A 5 -3.46 1.62 2.84
HG2 ABA A 5 -2.70 0.38 1.83
N VAL A 6 -2.31 1.39 -1.65
CA VAL A 6 -3.24 1.46 -2.73
C VAL A 6 -4.34 0.45 -2.49
N CYS A 7 -5.55 0.86 -2.66
CA CYS A 7 -6.64 -0.02 -2.40
C CYS A 7 -7.32 -0.39 -3.70
N ARG A 8 -7.59 -1.65 -3.87
CA ARG A 8 -8.20 -2.15 -5.07
C ARG A 8 -9.33 -3.06 -4.68
N ARG A 9 -10.53 -2.67 -5.04
CA ARG A 9 -11.75 -3.43 -4.79
C ARG A 9 -11.95 -3.65 -3.27
N GLY A 10 -11.53 -2.66 -2.50
CA GLY A 10 -11.69 -2.72 -1.07
C GLY A 10 -10.55 -3.41 -0.39
N VAL A 11 -9.60 -3.91 -1.15
CA VAL A 11 -8.47 -4.59 -0.60
C VAL A 11 -7.30 -3.65 -0.63
N CYS A 12 -6.83 -3.26 0.51
CA CYS A 12 -5.74 -2.35 0.56
C CYS A 12 -4.43 -3.07 0.62
N ARG A 13 -3.58 -2.70 -0.26
CA ARG A 13 -2.25 -3.25 -0.37
C ARG A 13 -1.26 -2.13 -0.15
N ABA A 14 -0.45 -2.27 0.84
CA ABA A 14 0.55 -1.29 1.13
C ABA A 14 1.92 -1.82 0.81
O ABA A 14 2.33 -2.86 1.32
CB ABA A 14 0.45 -0.75 2.58
CG ABA A 14 0.55 -1.79 3.67
H ABA A 14 -0.50 -3.06 1.42
HA ABA A 14 0.38 -0.48 0.44
HB3 ABA A 14 -0.49 -0.23 2.69
HB2 ABA A 14 1.25 -0.04 2.74
HG1 ABA A 14 -0.27 -2.50 3.56
HG3 ABA A 14 0.49 -1.32 4.64
HG2 ABA A 14 1.48 -2.32 3.58
N VAL A 15 2.56 -1.15 -0.09
CA VAL A 15 3.90 -1.49 -0.48
C VAL A 15 4.84 -0.49 0.16
N CYS A 16 5.79 -0.97 0.88
CA CYS A 16 6.70 -0.08 1.52
C CYS A 16 8.06 -0.11 0.87
N ARG A 17 8.70 1.04 0.84
CA ARG A 17 10.04 1.16 0.33
C ARG A 17 10.80 2.16 1.17
N ARG A 18 11.90 1.71 1.78
CA ARG A 18 12.78 2.55 2.62
C ARG A 18 12.02 3.06 3.86
N GLY A 1 11.47 2.85 2.80
CA GLY A 1 11.17 3.51 4.03
C GLY A 1 9.91 4.32 3.98
N VAL A 2 9.07 4.08 2.99
CA VAL A 2 7.80 4.76 2.90
C VAL A 2 6.71 3.74 2.73
N CYS A 3 5.73 3.75 3.59
CA CYS A 3 4.63 2.86 3.46
C CYS A 3 3.50 3.52 2.75
N ARG A 4 3.11 2.94 1.68
CA ARG A 4 2.06 3.47 0.86
C ARG A 4 0.90 2.48 0.81
N ABA A 5 -0.26 2.93 1.23
CA ABA A 5 -1.44 2.10 1.23
C ABA A 5 -2.20 2.30 -0.08
O ABA A 5 -2.81 3.35 -0.31
CB ABA A 5 -2.33 2.41 2.43
CG ABA A 5 -3.55 1.51 2.56
H ABA A 5 -0.34 3.85 1.57
HA ABA A 5 -1.13 1.07 1.28
HB3 ABA A 5 -2.67 3.44 2.37
HB2 ABA A 5 -1.75 2.31 3.34
HG1 ABA A 5 -4.12 1.80 3.43
HG3 ABA A 5 -3.23 0.48 2.66
HG2 ABA A 5 -4.16 1.62 1.67
N VAL A 6 -2.11 1.32 -0.94
CA VAL A 6 -2.80 1.38 -2.18
C VAL A 6 -3.94 0.37 -2.12
N CYS A 7 -5.09 0.77 -2.56
CA CYS A 7 -6.22 -0.11 -2.51
C CYS A 7 -6.68 -0.44 -3.89
N ARG A 8 -6.98 -1.70 -4.12
CA ARG A 8 -7.44 -2.14 -5.41
C ARG A 8 -8.70 -2.95 -5.27
N ARG A 9 -9.81 -2.36 -5.71
CA ARG A 9 -11.13 -2.98 -5.72
C ARG A 9 -11.58 -3.26 -4.27
N GLY A 10 -11.10 -2.45 -3.37
CA GLY A 10 -11.44 -2.58 -1.99
C GLY A 10 -10.37 -3.27 -1.18
N VAL A 11 -9.41 -3.89 -1.85
CA VAL A 11 -8.37 -4.61 -1.16
C VAL A 11 -7.22 -3.69 -0.93
N CYS A 12 -6.99 -3.34 0.29
CA CYS A 12 -5.93 -2.43 0.58
C CYS A 12 -4.66 -3.15 0.92
N ARG A 13 -3.62 -2.73 0.29
CA ARG A 13 -2.30 -3.25 0.49
C ARG A 13 -1.34 -2.14 0.88
N ABA A 14 -0.74 -2.28 2.03
CA ABA A 14 0.25 -1.35 2.49
C ABA A 14 1.60 -1.78 1.95
O ABA A 14 2.22 -2.73 2.44
CB ABA A 14 0.27 -1.28 4.03
CG ABA A 14 1.22 -0.25 4.60
H ABA A 14 -0.97 -3.05 2.61
HA ABA A 14 0.02 -0.38 2.08
HB3 ABA A 14 0.55 -2.25 4.42
HB2 ABA A 14 -0.72 -1.04 4.38
HG1 ABA A 14 2.23 -0.48 4.28
HG3 ABA A 14 1.17 -0.27 5.67
HG2 ABA A 14 0.95 0.73 4.24
N VAL A 15 2.02 -1.14 0.91
CA VAL A 15 3.27 -1.44 0.25
C VAL A 15 4.35 -0.57 0.86
N CYS A 16 5.25 -1.17 1.57
CA CYS A 16 6.31 -0.40 2.14
C CYS A 16 7.55 -0.53 1.29
N ARG A 17 8.04 0.59 0.84
CA ARG A 17 9.18 0.62 -0.03
C ARG A 17 10.04 1.85 0.21
N ARG A 18 11.33 1.61 0.36
CA ARG A 18 12.37 2.62 0.59
C ARG A 18 12.04 3.48 1.82
N GLY A 1 11.27 2.38 3.76
CA GLY A 1 10.70 2.87 5.01
C GLY A 1 9.48 3.75 4.81
N VAL A 2 9.12 4.01 3.57
CA VAL A 2 7.96 4.84 3.27
C VAL A 2 6.87 3.94 2.77
N CYS A 3 5.75 3.95 3.42
CA CYS A 3 4.69 3.06 3.04
C CYS A 3 3.62 3.73 2.22
N ARG A 4 3.27 3.09 1.15
CA ARG A 4 2.23 3.53 0.26
C ARG A 4 1.14 2.49 0.25
N ABA A 5 -0.03 2.89 0.61
CA ABA A 5 -1.16 2.02 0.59
C ABA A 5 -1.98 2.34 -0.65
O ABA A 5 -2.37 3.48 -0.87
CB ABA A 5 -2.00 2.17 1.86
CG ABA A 5 -3.15 1.21 1.96
H ABA A 5 -0.12 3.81 0.95
HA ABA A 5 -0.80 1.00 0.51
HB3 ABA A 5 -2.39 3.18 1.89
HB2 ABA A 5 -1.36 2.02 2.72
HG1 ABA A 5 -2.77 0.20 1.92
HG3 ABA A 5 -3.83 1.38 1.13
HG2 ABA A 5 -3.68 1.36 2.88
N VAL A 6 -2.17 1.34 -1.46
CA VAL A 6 -2.95 1.42 -2.67
C VAL A 6 -4.14 0.49 -2.50
N CYS A 7 -5.32 1.01 -2.59
CA CYS A 7 -6.49 0.19 -2.39
C CYS A 7 -7.11 -0.19 -3.71
N ARG A 8 -7.35 -1.47 -3.89
CA ARG A 8 -7.93 -2.00 -5.12
C ARG A 8 -8.98 -3.03 -4.78
N ARG A 9 -10.17 -2.85 -5.32
CA ARG A 9 -11.29 -3.80 -5.20
C ARG A 9 -11.69 -3.96 -3.71
N GLY A 10 -11.51 -2.89 -2.96
CA GLY A 10 -11.86 -2.87 -1.57
C GLY A 10 -10.82 -3.54 -0.70
N VAL A 11 -9.65 -3.75 -1.26
CA VAL A 11 -8.57 -4.38 -0.56
C VAL A 11 -7.39 -3.44 -0.58
N CYS A 12 -6.94 -3.04 0.57
CA CYS A 12 -5.84 -2.14 0.64
C CYS A 12 -4.53 -2.85 0.73
N ARG A 13 -3.73 -2.61 -0.24
CA ARG A 13 -2.43 -3.18 -0.37
C ARG A 13 -1.42 -2.17 0.13
N ABA A 14 -0.68 -2.55 1.11
CA ABA A 14 0.32 -1.71 1.67
C ABA A 14 1.66 -2.15 1.15
O ABA A 14 2.07 -3.30 1.35
CB ABA A 14 0.29 -1.78 3.20
CG ABA A 14 1.32 -0.90 3.87
H ABA A 14 -0.81 -3.44 1.50
HA ABA A 14 0.13 -0.69 1.36
HB3 ABA A 14 0.46 -2.80 3.51
HB2 ABA A 14 -0.69 -1.47 3.54
HG1 ABA A 14 1.14 0.14 3.63
HG3 ABA A 14 2.30 -1.19 3.54
HG2 ABA A 14 1.26 -1.04 4.94
N VAL A 15 2.30 -1.27 0.45
CA VAL A 15 3.61 -1.50 -0.08
C VAL A 15 4.54 -0.56 0.65
N CYS A 16 5.70 -0.99 1.01
CA CYS A 16 6.62 -0.11 1.67
C CYS A 16 7.92 -0.08 0.91
N ARG A 17 8.44 1.11 0.71
CA ARG A 17 9.65 1.31 -0.05
C ARG A 17 10.55 2.23 0.69
N ARG A 18 11.66 1.69 1.13
CA ARG A 18 12.73 2.40 1.83
C ARG A 18 12.19 3.07 3.11
N GLY A 1 11.48 3.04 3.12
CA GLY A 1 11.10 3.60 4.40
C GLY A 1 9.78 4.35 4.36
N VAL A 2 9.03 4.20 3.28
CA VAL A 2 7.74 4.86 3.17
C VAL A 2 6.70 3.82 2.82
N CYS A 3 5.63 3.78 3.56
CA CYS A 3 4.59 2.83 3.29
C CYS A 3 3.50 3.42 2.48
N ARG A 4 3.24 2.77 1.39
CA ARG A 4 2.24 3.19 0.43
C ARG A 4 0.99 2.35 0.57
N ABA A 5 -0.13 3.00 0.69
CA ABA A 5 -1.39 2.33 0.74
C ABA A 5 -1.94 2.19 -0.68
O ABA A 5 -2.31 3.17 -1.32
CB ABA A 5 -2.37 3.11 1.63
CG ABA A 5 -3.72 2.42 1.83
H ABA A 5 -0.12 3.98 0.74
HA ABA A 5 -1.23 1.34 1.15
HB3 ABA A 5 -2.56 4.07 1.20
HB2 ABA A 5 -1.93 3.23 2.62
HG1 ABA A 5 -4.20 2.30 0.87
HG3 ABA A 5 -4.33 3.01 2.47
HG2 ABA A 5 -3.56 1.44 2.28
N VAL A 6 -1.91 0.99 -1.20
CA VAL A 6 -2.40 0.70 -2.51
C VAL A 6 -3.73 -0.03 -2.37
N CYS A 7 -4.79 0.64 -2.66
CA CYS A 7 -6.08 0.02 -2.54
C CYS A 7 -6.63 -0.28 -3.92
N ARG A 8 -7.20 -1.43 -4.05
CA ARG A 8 -7.78 -1.87 -5.29
C ARG A 8 -9.00 -2.72 -5.03
N ARG A 9 -10.14 -2.25 -5.53
CA ARG A 9 -11.43 -2.98 -5.45
C ARG A 9 -11.83 -3.22 -3.97
N GLY A 10 -11.51 -2.26 -3.13
CA GLY A 10 -11.82 -2.37 -1.71
C GLY A 10 -10.86 -3.28 -0.98
N VAL A 11 -9.78 -3.65 -1.63
CA VAL A 11 -8.76 -4.47 -1.03
C VAL A 11 -7.52 -3.60 -0.88
N CYS A 12 -7.12 -3.33 0.31
CA CYS A 12 -5.97 -2.49 0.51
C CYS A 12 -4.74 -3.27 0.85
N ARG A 13 -3.71 -2.95 0.16
CA ARG A 13 -2.41 -3.52 0.33
C ARG A 13 -1.42 -2.42 0.71
N ABA A 14 -0.68 -2.64 1.75
CA ABA A 14 0.32 -1.69 2.17
C ABA A 14 1.69 -2.20 1.77
O ABA A 14 2.14 -3.26 2.24
CB ABA A 14 0.24 -1.49 3.70
CG ABA A 14 1.19 -0.44 4.23
H ABA A 14 -0.76 -3.48 2.25
HA ABA A 14 0.12 -0.75 1.68
HB3 ABA A 14 0.46 -2.42 4.19
HB2 ABA A 14 -0.76 -1.19 3.96
HG1 ABA A 14 0.98 0.51 3.77
HG3 ABA A 14 2.21 -0.73 4.00
HG2 ABA A 14 1.09 -0.36 5.30
N VAL A 15 2.33 -1.50 0.87
CA VAL A 15 3.66 -1.84 0.44
C VAL A 15 4.64 -0.79 0.94
N CYS A 16 5.65 -1.22 1.61
CA CYS A 16 6.62 -0.30 2.15
C CYS A 16 7.86 -0.32 1.32
N ARG A 17 8.26 0.84 0.85
CA ARG A 17 9.38 0.98 -0.03
C ARG A 17 10.18 2.20 0.39
N ARG A 18 11.47 2.00 0.58
CA ARG A 18 12.43 3.06 0.91
C ARG A 18 12.02 3.80 2.20
N GLY A 1 11.52 3.05 3.27
CA GLY A 1 11.11 3.49 4.57
C GLY A 1 9.75 4.16 4.57
N VAL A 2 9.11 4.21 3.42
CA VAL A 2 7.81 4.85 3.32
C VAL A 2 6.80 3.82 2.89
N CYS A 3 5.73 3.73 3.60
CA CYS A 3 4.70 2.79 3.28
C CYS A 3 3.65 3.40 2.40
N ARG A 4 3.36 2.71 1.35
CA ARG A 4 2.38 3.13 0.39
C ARG A 4 1.22 2.14 0.42
N ABA A 5 0.03 2.62 0.70
CA ABA A 5 -1.13 1.77 0.73
C ABA A 5 -2.03 2.11 -0.44
O ABA A 5 -2.65 3.18 -0.48
CB ABA A 5 -1.87 1.89 2.07
CG ABA A 5 -3.05 0.95 2.20
H ABA A 5 -0.08 3.58 0.92
HA ABA A 5 -0.79 0.75 0.60
HB3 ABA A 5 -2.24 2.90 2.16
HB2 ABA A 5 -1.19 1.68 2.87
HG1 ABA A 5 -3.52 1.09 3.16
HG3 ABA A 5 -2.71 -0.07 2.12
HG2 ABA A 5 -3.77 1.16 1.41
N VAL A 6 -2.09 1.21 -1.38
CA VAL A 6 -2.92 1.37 -2.55
C VAL A 6 -4.12 0.46 -2.41
N CYS A 7 -5.28 0.93 -2.77
CA CYS A 7 -6.45 0.14 -2.59
C CYS A 7 -7.05 -0.26 -3.92
N ARG A 8 -7.34 -1.53 -4.06
CA ARG A 8 -7.87 -2.08 -5.29
C ARG A 8 -9.01 -3.01 -4.95
N ARG A 9 -10.16 -2.79 -5.55
CA ARG A 9 -11.37 -3.63 -5.37
C ARG A 9 -11.78 -3.66 -3.86
N GLY A 10 -11.61 -2.52 -3.20
CA GLY A 10 -11.97 -2.43 -1.80
C GLY A 10 -10.99 -3.15 -0.89
N VAL A 11 -9.85 -3.51 -1.43
CA VAL A 11 -8.82 -4.22 -0.70
C VAL A 11 -7.59 -3.35 -0.68
N CYS A 12 -7.16 -2.97 0.47
CA CYS A 12 -5.99 -2.15 0.55
C CYS A 12 -4.73 -2.98 0.75
N ARG A 13 -3.76 -2.69 -0.07
CA ARG A 13 -2.48 -3.36 -0.06
C ARG A 13 -1.39 -2.34 0.32
N ABA A 14 -0.67 -2.62 1.38
CA ABA A 14 0.35 -1.72 1.85
C ABA A 14 1.73 -2.29 1.52
O ABA A 14 2.09 -3.39 1.95
CB ABA A 14 0.21 -1.48 3.36
CG ABA A 14 1.20 -0.49 3.93
H ABA A 14 -0.82 -3.45 1.87
HA ABA A 14 0.25 -0.79 1.33
HB3 ABA A 14 0.36 -2.42 3.87
HB2 ABA A 14 -0.78 -1.12 3.56
HG1 ABA A 14 1.03 -0.37 4.98
HG3 ABA A 14 1.07 0.47 3.43
HG2 ABA A 14 2.21 -0.84 3.76
N VAL A 15 2.47 -1.54 0.73
CA VAL A 15 3.79 -1.92 0.33
C VAL A 15 4.75 -0.85 0.83
N CYS A 16 5.75 -1.24 1.55
CA CYS A 16 6.69 -0.30 2.07
C CYS A 16 7.96 -0.29 1.26
N ARG A 17 8.42 0.89 0.93
CA ARG A 17 9.59 1.04 0.11
C ARG A 17 10.35 2.30 0.52
N ARG A 18 11.65 2.12 0.76
CA ARG A 18 12.57 3.20 1.12
C ARG A 18 12.20 3.83 2.48
N GLY A 1 11.49 2.85 2.69
CA GLY A 1 11.16 3.40 3.99
C GLY A 1 9.83 4.15 3.98
N VAL A 2 9.14 4.10 2.88
CA VAL A 2 7.88 4.77 2.77
C VAL A 2 6.78 3.75 2.59
N CYS A 3 5.86 3.74 3.49
CA CYS A 3 4.75 2.85 3.39
C CYS A 3 3.61 3.51 2.73
N ARG A 4 3.11 2.86 1.74
CA ARG A 4 2.01 3.36 0.98
C ARG A 4 0.89 2.34 0.97
N ABA A 5 -0.26 2.73 1.41
CA ABA A 5 -1.39 1.87 1.36
C ABA A 5 -2.15 2.16 0.09
O ABA A 5 -2.77 3.21 -0.06
CB ABA A 5 -2.26 2.00 2.60
CG ABA A 5 -3.39 1.00 2.64
H ABA A 5 -0.37 3.63 1.79
HA ABA A 5 -1.02 0.85 1.29
HB3 ABA A 5 -2.70 2.99 2.61
HB2 ABA A 5 -1.65 1.86 3.49
HG1 ABA A 5 -2.99 -0.01 2.60
HG3 ABA A 5 -4.04 1.15 1.79
HG2 ABA A 5 -3.95 1.12 3.56
N VAL A 6 -2.05 1.25 -0.83
CA VAL A 6 -2.70 1.37 -2.10
C VAL A 6 -3.97 0.56 -2.03
N CYS A 7 -5.09 1.18 -2.21
CA CYS A 7 -6.31 0.46 -2.17
C CYS A 7 -6.76 0.15 -3.58
N ARG A 8 -6.96 -1.11 -3.85
CA ARG A 8 -7.34 -1.56 -5.15
C ARG A 8 -8.19 -2.79 -5.04
N ARG A 9 -9.24 -2.82 -5.85
CA ARG A 9 -10.16 -3.96 -5.95
C ARG A 9 -10.93 -4.11 -4.64
N GLY A 10 -11.06 -3.00 -3.95
CA GLY A 10 -11.75 -2.97 -2.69
C GLY A 10 -10.90 -3.53 -1.55
N VAL A 11 -9.60 -3.66 -1.79
CA VAL A 11 -8.69 -4.19 -0.79
C VAL A 11 -7.51 -3.23 -0.65
N CYS A 12 -7.21 -2.86 0.56
CA CYS A 12 -6.10 -2.00 0.80
C CYS A 12 -4.85 -2.81 1.06
N ARG A 13 -3.84 -2.51 0.31
CA ARG A 13 -2.58 -3.21 0.41
C ARG A 13 -1.52 -2.22 0.87
N ABA A 14 -0.88 -2.49 1.98
CA ABA A 14 0.14 -1.62 2.52
C ABA A 14 1.50 -2.07 2.00
O ABA A 14 2.10 -3.01 2.52
CB ABA A 14 0.11 -1.62 4.06
CG ABA A 14 1.10 -0.65 4.69
H ABA A 14 -1.12 -3.31 2.49
HA ABA A 14 -0.05 -0.63 2.16
HB3 ABA A 14 0.34 -2.61 4.42
HB2 ABA A 14 -0.88 -1.34 4.40
HG1 ABA A 14 2.10 -0.92 4.39
HG3 ABA A 14 1.02 -0.72 5.77
HG2 ABA A 14 0.88 0.35 4.37
N VAL A 15 1.95 -1.41 0.99
CA VAL A 15 3.23 -1.74 0.40
C VAL A 15 4.28 -0.74 0.87
N CYS A 16 5.30 -1.24 1.48
CA CYS A 16 6.36 -0.39 1.96
C CYS A 16 7.53 -0.49 1.04
N ARG A 17 8.09 0.65 0.70
CA ARG A 17 9.23 0.71 -0.19
C ARG A 17 10.05 1.94 0.08
N ARG A 18 11.36 1.74 0.21
CA ARG A 18 12.32 2.83 0.42
C ARG A 18 12.03 3.57 1.75
N GLY A 1 11.07 2.50 2.85
CA GLY A 1 10.76 2.73 4.23
C GLY A 1 9.48 3.50 4.43
N VAL A 2 8.80 3.82 3.34
CA VAL A 2 7.55 4.54 3.41
C VAL A 2 6.45 3.59 2.99
N CYS A 3 5.51 3.38 3.85
CA CYS A 3 4.45 2.46 3.52
C CYS A 3 3.32 3.15 2.83
N ARG A 4 3.16 2.76 1.61
CA ARG A 4 2.21 3.30 0.70
C ARG A 4 0.99 2.39 0.64
N ABA A 5 -0.15 2.93 0.93
CA ABA A 5 -1.37 2.17 0.84
C ABA A 5 -1.97 2.27 -0.57
O ABA A 5 -2.46 3.32 -0.99
CB ABA A 5 -2.39 2.56 1.95
CG ABA A 5 -2.80 4.02 1.98
H ABA A 5 -0.21 3.87 1.21
HA ABA A 5 -1.08 1.14 0.98
HB3 ABA A 5 -1.95 2.31 2.91
HB2 ABA A 5 -3.28 1.97 1.82
HG1 ABA A 5 -1.93 4.64 2.17
HG3 ABA A 5 -3.52 4.17 2.78
HG2 ABA A 5 -3.25 4.29 1.04
N VAL A 6 -1.85 1.21 -1.30
CA VAL A 6 -2.42 1.14 -2.62
C VAL A 6 -3.63 0.27 -2.52
N CYS A 7 -4.77 0.81 -2.76
CA CYS A 7 -6.00 0.07 -2.66
C CYS A 7 -6.45 -0.39 -4.02
N ARG A 8 -6.87 -1.65 -4.08
CA ARG A 8 -7.34 -2.25 -5.29
C ARG A 8 -8.54 -3.11 -4.98
N ARG A 9 -9.66 -2.77 -5.61
CA ARG A 9 -10.91 -3.53 -5.48
C ARG A 9 -11.37 -3.61 -4.01
N GLY A 10 -11.15 -2.52 -3.30
CA GLY A 10 -11.60 -2.42 -1.93
C GLY A 10 -10.61 -3.00 -0.93
N VAL A 11 -9.51 -3.54 -1.43
CA VAL A 11 -8.53 -4.13 -0.55
C VAL A 11 -7.32 -3.24 -0.56
N CYS A 12 -6.88 -2.83 0.58
CA CYS A 12 -5.74 -1.96 0.63
C CYS A 12 -4.50 -2.70 0.94
N ARG A 13 -3.49 -2.44 0.17
CA ARG A 13 -2.21 -3.08 0.35
C ARG A 13 -1.20 -2.06 0.81
N ABA A 14 -0.63 -2.32 1.95
CA ABA A 14 0.37 -1.47 2.51
C ABA A 14 1.74 -1.92 2.03
O ABA A 14 2.40 -2.78 2.64
CB ABA A 14 0.29 -1.53 4.05
CG ABA A 14 1.23 -0.60 4.78
H ABA A 14 -0.88 -3.13 2.44
HA ABA A 14 0.19 -0.46 2.19
HB3 ABA A 14 0.49 -2.54 4.37
HB2 ABA A 14 -0.72 -1.27 4.35
HG1 ABA A 14 1.09 -0.70 5.84
HG3 ABA A 14 1.03 0.42 4.47
HG2 ABA A 14 2.25 -0.87 4.52
N VAL A 15 2.15 -1.38 0.91
CA VAL A 15 3.42 -1.73 0.34
C VAL A 15 4.46 -0.73 0.77
N CYS A 16 5.52 -1.20 1.36
CA CYS A 16 6.51 -0.32 1.84
C CYS A 16 7.61 -0.15 0.82
N ARG A 17 7.84 1.08 0.47
CA ARG A 17 8.76 1.46 -0.54
C ARG A 17 9.70 2.48 0.05
N ARG A 18 10.96 2.11 0.16
CA ARG A 18 12.02 2.99 0.67
C ARG A 18 11.73 3.39 2.14
N GLY A 1 11.38 2.54 3.01
CA GLY A 1 10.97 2.92 4.35
C GLY A 1 9.76 3.80 4.33
N VAL A 2 9.09 3.88 3.19
CA VAL A 2 7.90 4.68 3.06
C VAL A 2 6.74 3.76 2.74
N CYS A 3 5.82 3.66 3.63
CA CYS A 3 4.68 2.82 3.42
C CYS A 3 3.58 3.54 2.69
N ARG A 4 3.08 2.90 1.69
CA ARG A 4 2.04 3.43 0.86
C ARG A 4 0.88 2.44 0.76
N ABA A 5 -0.28 2.88 1.16
CA ABA A 5 -1.46 2.06 1.09
C ABA A 5 -2.17 2.31 -0.22
O ABA A 5 -2.67 3.42 -0.47
CB ABA A 5 -2.40 2.34 2.26
CG ABA A 5 -1.80 2.03 3.61
H ABA A 5 -0.36 3.79 1.51
HA ABA A 5 -1.16 1.03 1.12
HB3 ABA A 5 -3.29 1.75 2.14
HB2 ABA A 5 -2.67 3.39 2.25
HG1 ABA A 5 -0.91 2.63 3.75
HG3 ABA A 5 -1.55 0.99 3.66
HG2 ABA A 5 -2.51 2.28 4.38
N VAL A 6 -2.17 1.33 -1.06
CA VAL A 6 -2.84 1.42 -2.32
C VAL A 6 -3.99 0.42 -2.29
N CYS A 7 -5.14 0.85 -2.70
CA CYS A 7 -6.27 -0.01 -2.64
C CYS A 7 -6.64 -0.50 -4.02
N ARG A 8 -6.94 -1.78 -4.11
CA ARG A 8 -7.34 -2.40 -5.35
C ARG A 8 -8.61 -3.18 -5.11
N ARG A 9 -9.70 -2.67 -5.66
CA ARG A 9 -11.03 -3.26 -5.59
C ARG A 9 -11.46 -3.50 -4.13
N GLY A 10 -11.17 -2.52 -3.30
CA GLY A 10 -11.57 -2.57 -1.91
C GLY A 10 -10.53 -3.25 -1.04
N VAL A 11 -9.50 -3.78 -1.65
CA VAL A 11 -8.48 -4.46 -0.91
C VAL A 11 -7.31 -3.52 -0.79
N CYS A 12 -7.07 -3.02 0.39
CA CYS A 12 -5.99 -2.12 0.57
C CYS A 12 -4.73 -2.84 0.94
N ARG A 13 -3.69 -2.54 0.23
CA ARG A 13 -2.42 -3.14 0.47
C ARG A 13 -1.39 -2.08 0.84
N ABA A 14 -0.77 -2.26 1.97
CA ABA A 14 0.27 -1.37 2.40
C ABA A 14 1.61 -1.90 1.92
O ABA A 14 2.17 -2.84 2.50
CB ABA A 14 0.26 -1.24 3.93
CG ABA A 14 1.27 -0.24 4.46
H ABA A 14 -1.04 -2.99 2.55
HA ABA A 14 0.09 -0.40 1.95
HB3 ABA A 14 0.48 -2.20 4.36
HB2 ABA A 14 -0.72 -0.92 4.26
HG1 ABA A 14 1.21 -0.19 5.55
HG3 ABA A 14 1.05 0.74 4.05
HG2 ABA A 14 2.26 -0.54 4.17
N VAL A 15 2.07 -1.36 0.83
CA VAL A 15 3.37 -1.72 0.30
C VAL A 15 4.36 -0.69 0.79
N CYS A 16 5.49 -1.12 1.23
CA CYS A 16 6.44 -0.19 1.75
C CYS A 16 7.67 -0.18 0.91
N ARG A 17 8.08 0.99 0.51
CA ARG A 17 9.23 1.14 -0.34
C ARG A 17 10.13 2.23 0.17
N ARG A 18 11.38 1.87 0.39
CA ARG A 18 12.44 2.78 0.85
C ARG A 18 12.08 3.35 2.25
N GLY A 1 11.42 3.50 2.46
CA GLY A 1 11.18 3.98 3.80
C GLY A 1 9.78 4.53 3.97
N VAL A 2 8.95 4.37 2.96
CA VAL A 2 7.60 4.91 2.96
C VAL A 2 6.61 3.77 2.78
N CYS A 3 5.58 3.76 3.55
CA CYS A 3 4.57 2.76 3.40
C CYS A 3 3.38 3.30 2.65
N ARG A 4 3.05 2.62 1.62
CA ARG A 4 1.97 2.98 0.75
C ARG A 4 0.89 1.95 0.88
N ABA A 5 -0.28 2.39 1.27
CA ABA A 5 -1.41 1.52 1.20
C ABA A 5 -1.97 1.63 -0.21
O ABA A 5 -2.44 2.70 -0.63
CB ABA A 5 -2.46 1.83 2.31
CG ABA A 5 -3.05 3.23 2.28
H ABA A 5 -0.35 3.29 1.63
HA ABA A 5 -1.03 0.52 1.32
HB3 ABA A 5 -2.01 1.67 3.27
HB2 ABA A 5 -3.29 1.14 2.19
HG1 ABA A 5 -3.76 3.34 3.09
HG3 ABA A 5 -3.56 3.39 1.34
HG2 ABA A 5 -2.26 3.96 2.39
N VAL A 6 -1.78 0.60 -0.95
CA VAL A 6 -2.28 0.55 -2.29
C VAL A 6 -3.58 -0.21 -2.27
N CYS A 7 -4.62 0.49 -2.53
CA CYS A 7 -5.91 -0.11 -2.50
C CYS A 7 -6.30 -0.51 -3.88
N ARG A 8 -6.68 -1.74 -4.00
CA ARG A 8 -7.06 -2.30 -5.25
C ARG A 8 -8.47 -2.77 -5.16
N ARG A 9 -9.35 -2.05 -5.84
CA ARG A 9 -10.78 -2.35 -5.91
C ARG A 9 -11.36 -2.64 -4.50
N GLY A 10 -11.11 -1.73 -3.59
CA GLY A 10 -11.68 -1.82 -2.27
C GLY A 10 -10.85 -2.67 -1.29
N VAL A 11 -9.75 -3.22 -1.74
CA VAL A 11 -8.92 -4.03 -0.86
C VAL A 11 -7.58 -3.36 -0.71
N CYS A 12 -7.28 -2.92 0.48
CA CYS A 12 -6.05 -2.20 0.72
C CYS A 12 -4.90 -3.10 1.11
N ARG A 13 -3.83 -2.94 0.40
CA ARG A 13 -2.61 -3.67 0.63
C ARG A 13 -1.52 -2.69 1.05
N ABA A 14 -0.91 -2.94 2.18
CA ABA A 14 0.14 -2.07 2.66
C ABA A 14 1.51 -2.57 2.19
O ABA A 14 1.97 -3.64 2.61
CB ABA A 14 0.10 -1.97 4.19
CG ABA A 14 1.14 -1.03 4.78
H ABA A 14 -1.15 -3.74 2.70
HA ABA A 14 -0.02 -1.09 2.24
HB3 ABA A 14 0.27 -2.96 4.60
HB2 ABA A 14 -0.87 -1.62 4.50
HG1 ABA A 14 0.99 -0.04 4.40
HG3 ABA A 14 2.13 -1.38 4.51
HG2 ABA A 14 1.05 -1.02 5.86
N VAL A 15 2.12 -1.82 1.31
CA VAL A 15 3.43 -2.13 0.80
C VAL A 15 4.39 -1.04 1.20
N CYS A 16 5.54 -1.39 1.66
CA CYS A 16 6.50 -0.39 2.06
C CYS A 16 7.69 -0.41 1.12
N ARG A 17 8.17 0.76 0.78
CA ARG A 17 9.28 0.92 -0.12
C ARG A 17 9.90 2.28 0.10
N ARG A 18 11.23 2.35 0.05
CA ARG A 18 11.99 3.62 0.13
C ARG A 18 11.79 4.30 1.50
N GLY A 1 11.12 2.35 3.40
CA GLY A 1 10.53 2.88 4.61
C GLY A 1 9.33 3.76 4.34
N VAL A 2 9.06 4.06 3.09
CA VAL A 2 7.91 4.89 2.75
C VAL A 2 6.76 3.97 2.44
N CYS A 3 5.76 4.01 3.25
CA CYS A 3 4.67 3.09 3.07
C CYS A 3 3.52 3.69 2.33
N ARG A 4 3.13 3.01 1.30
CA ARG A 4 2.03 3.43 0.47
C ARG A 4 0.86 2.46 0.65
N ABA A 5 -0.28 2.99 1.04
CA ABA A 5 -1.47 2.20 1.17
C ABA A 5 -2.17 2.16 -0.18
O ABA A 5 -2.83 3.13 -0.58
CB ABA A 5 -2.38 2.77 2.26
CG ABA A 5 -3.63 1.94 2.52
H ABA A 5 -0.32 3.95 1.24
HA ABA A 5 -1.17 1.20 1.43
HB3 ABA A 5 -2.71 3.76 1.96
HB2 ABA A 5 -1.83 2.85 3.18
HG1 ABA A 5 -4.21 1.86 1.62
HG3 ABA A 5 -4.22 2.40 3.30
HG2 ABA A 5 -3.34 0.95 2.84
N VAL A 6 -1.99 1.09 -0.90
CA VAL A 6 -2.55 0.93 -2.22
C VAL A 6 -3.86 0.19 -2.11
N CYS A 7 -4.93 0.89 -2.29
CA CYS A 7 -6.23 0.28 -2.26
C CYS A 7 -6.68 -0.02 -3.67
N ARG A 8 -7.11 -1.23 -3.87
CA ARG A 8 -7.60 -1.68 -5.16
C ARG A 8 -8.60 -2.81 -4.98
N ARG A 9 -9.75 -2.65 -5.62
CA ARG A 9 -10.83 -3.67 -5.64
C ARG A 9 -11.38 -3.90 -4.21
N GLY A 10 -11.33 -2.86 -3.42
CA GLY A 10 -11.82 -2.93 -2.05
C GLY A 10 -10.81 -3.57 -1.12
N VAL A 11 -9.61 -3.77 -1.61
CA VAL A 11 -8.56 -4.39 -0.85
C VAL A 11 -7.46 -3.37 -0.66
N CYS A 12 -7.14 -3.06 0.55
CA CYS A 12 -6.07 -2.14 0.79
C CYS A 12 -4.82 -2.86 1.17
N ARG A 13 -3.87 -2.72 0.35
CA ARG A 13 -2.59 -3.38 0.52
C ARG A 13 -1.50 -2.35 0.68
N ABA A 14 -0.74 -2.46 1.71
CA ABA A 14 0.32 -1.53 1.93
C ABA A 14 1.61 -2.04 1.31
O ABA A 14 1.94 -3.22 1.42
CB ABA A 14 0.50 -1.27 3.44
CG ABA A 14 1.54 -0.22 3.79
H ABA A 14 -0.86 -3.21 2.33
HA ABA A 14 0.05 -0.60 1.45
HB3 ABA A 14 0.79 -2.19 3.93
HB2 ABA A 14 -0.44 -0.94 3.85
HG1 ABA A 14 1.26 0.72 3.35
HG3 ABA A 14 2.51 -0.52 3.39
HG2 ABA A 14 1.61 -0.11 4.86
N VAL A 15 2.29 -1.21 0.60
CA VAL A 15 3.56 -1.54 0.04
C VAL A 15 4.58 -0.49 0.47
N CYS A 16 5.58 -0.92 1.14
CA CYS A 16 6.56 0.00 1.64
C CYS A 16 7.79 -0.03 0.77
N ARG A 17 8.31 1.12 0.46
CA ARG A 17 9.49 1.27 -0.35
C ARG A 17 10.47 2.15 0.38
N ARG A 18 11.55 1.55 0.85
CA ARG A 18 12.66 2.25 1.53
C ARG A 18 12.14 2.93 2.82
N GLY A 1 11.46 3.40 3.33
CA GLY A 1 10.92 4.09 4.48
C GLY A 1 9.51 4.63 4.22
N VAL A 2 9.03 4.46 3.02
CA VAL A 2 7.74 5.00 2.65
C VAL A 2 6.76 3.87 2.53
N CYS A 3 5.66 3.97 3.21
CA CYS A 3 4.66 2.94 3.13
C CYS A 3 3.54 3.37 2.25
N ARG A 4 3.41 2.66 1.19
CA ARG A 4 2.40 2.94 0.19
C ARG A 4 1.24 1.99 0.39
N ABA A 5 0.06 2.53 0.45
CA ABA A 5 -1.13 1.74 0.59
C ABA A 5 -2.10 2.13 -0.49
O ABA A 5 -2.65 3.23 -0.48
CB ABA A 5 -1.75 1.95 1.97
CG ABA A 5 -3.02 1.14 2.19
H ABA A 5 -0.04 3.50 0.41
HA ABA A 5 -0.87 0.70 0.47
HB3 ABA A 5 -1.98 2.99 2.10
HB2 ABA A 5 -1.04 1.65 2.73
HG1 ABA A 5 -3.42 1.38 3.17
HG3 ABA A 5 -2.80 0.09 2.13
HG2 ABA A 5 -3.74 1.41 1.44
N VAL A 6 -2.29 1.27 -1.44
CA VAL A 6 -3.25 1.50 -2.49
C VAL A 6 -4.35 0.49 -2.34
N CYS A 7 -5.55 0.87 -2.56
CA CYS A 7 -6.62 -0.05 -2.41
C CYS A 7 -7.28 -0.33 -3.73
N ARG A 8 -7.50 -1.58 -4.01
CA ARG A 8 -8.04 -1.99 -5.28
C ARG A 8 -9.29 -2.78 -5.02
N ARG A 9 -10.42 -2.20 -5.37
CA ARG A 9 -11.76 -2.78 -5.19
C ARG A 9 -12.02 -2.99 -3.69
N GLY A 10 -11.44 -2.13 -2.89
CA GLY A 10 -11.60 -2.19 -1.46
C GLY A 10 -10.49 -2.97 -0.79
N VAL A 11 -9.70 -3.69 -1.57
CA VAL A 11 -8.66 -4.52 -1.01
C VAL A 11 -7.37 -3.74 -0.99
N CYS A 12 -6.91 -3.45 0.17
CA CYS A 12 -5.76 -2.62 0.32
C CYS A 12 -4.48 -3.41 0.31
N ARG A 13 -3.57 -2.91 -0.47
CA ARG A 13 -2.22 -3.42 -0.54
C ARG A 13 -1.33 -2.39 0.12
N ABA A 14 -0.62 -2.79 1.13
CA ABA A 14 0.28 -1.92 1.83
C ABA A 14 1.68 -2.46 1.70
O ABA A 14 1.96 -3.60 2.08
CB ABA A 14 -0.12 -1.81 3.32
CG ABA A 14 0.75 -0.86 4.12
H ABA A 14 -0.69 -3.73 1.44
HA ABA A 14 0.23 -0.95 1.38
HB3 ABA A 14 -0.06 -2.79 3.77
HB2 ABA A 14 -1.14 -1.46 3.38
HG1 ABA A 14 0.70 0.13 3.70
HG3 ABA A 14 1.77 -1.20 4.10
HG2 ABA A 14 0.40 -0.84 5.14
N VAL A 15 2.54 -1.70 1.10
CA VAL A 15 3.90 -2.10 0.90
C VAL A 15 4.82 -0.98 1.34
N CYS A 16 5.82 -1.31 2.08
CA CYS A 16 6.76 -0.32 2.52
C CYS A 16 8.05 -0.45 1.76
N ARG A 17 8.58 0.65 1.32
CA ARG A 17 9.79 0.68 0.56
C ARG A 17 10.49 2.00 0.73
N ARG A 18 11.77 1.93 1.08
CA ARG A 18 12.64 3.10 1.25
C ARG A 18 12.09 4.02 2.37
N GLY A 1 11.20 2.22 3.32
CA GLY A 1 10.84 3.00 4.49
C GLY A 1 9.60 3.87 4.32
N VAL A 2 9.13 4.04 3.10
CA VAL A 2 7.96 4.87 2.86
C VAL A 2 6.79 3.97 2.56
N CYS A 3 5.81 3.98 3.40
CA CYS A 3 4.69 3.09 3.19
C CYS A 3 3.55 3.75 2.47
N ARG A 4 3.05 3.07 1.47
CA ARG A 4 1.95 3.53 0.67
C ARG A 4 0.79 2.53 0.81
N ABA A 5 -0.34 2.99 1.28
CA ABA A 5 -1.51 2.14 1.42
C ABA A 5 -2.44 2.37 0.25
O ABA A 5 -3.29 3.26 0.26
CB ABA A 5 -2.23 2.42 2.75
CG ABA A 5 -1.41 2.10 3.97
H ABA A 5 -0.42 3.93 1.56
HA ABA A 5 -1.17 1.12 1.41
HB3 ABA A 5 -3.14 1.83 2.78
HB2 ABA A 5 -2.50 3.47 2.78
HG1 ABA A 5 -1.99 2.34 4.86
HG3 ABA A 5 -0.51 2.69 3.97
HG2 ABA A 5 -1.17 1.05 3.98
N VAL A 6 -2.27 1.58 -0.76
CA VAL A 6 -3.06 1.72 -1.95
C VAL A 6 -4.14 0.64 -1.98
N CYS A 7 -5.32 1.00 -2.33
CA CYS A 7 -6.40 0.05 -2.34
C CYS A 7 -6.74 -0.36 -3.74
N ARG A 8 -6.99 -1.62 -3.91
CA ARG A 8 -7.30 -2.21 -5.18
C ARG A 8 -8.42 -3.21 -5.02
N ARG A 9 -9.49 -3.01 -5.77
CA ARG A 9 -10.69 -3.89 -5.75
C ARG A 9 -11.33 -3.89 -4.35
N GLY A 10 -11.09 -2.84 -3.63
CA GLY A 10 -11.62 -2.69 -2.30
C GLY A 10 -10.70 -3.24 -1.23
N VAL A 11 -9.57 -3.81 -1.62
CA VAL A 11 -8.62 -4.39 -0.69
C VAL A 11 -7.43 -3.45 -0.58
N CYS A 12 -7.07 -3.09 0.61
CA CYS A 12 -5.98 -2.19 0.77
C CYS A 12 -4.69 -2.90 1.01
N ARG A 13 -3.69 -2.52 0.25
CA ARG A 13 -2.40 -3.14 0.28
C ARG A 13 -1.36 -2.09 0.67
N ABA A 14 -0.63 -2.40 1.71
CA ABA A 14 0.41 -1.54 2.19
C ABA A 14 1.74 -1.95 1.59
O ABA A 14 2.35 -2.97 1.99
CB ABA A 14 0.47 -1.59 3.74
CG ABA A 14 1.49 -0.63 4.35
H ABA A 14 -0.79 -3.25 2.18
HA ABA A 14 0.18 -0.53 1.89
HB3 ABA A 14 0.74 -2.60 4.03
HB2 ABA A 14 -0.49 -1.34 4.14
HG1 ABA A 14 1.24 0.38 4.08
HG3 ABA A 14 2.48 -0.88 3.97
HG2 ABA A 14 1.47 -0.74 5.42
N VAL A 15 2.15 -1.21 0.61
CA VAL A 15 3.40 -1.44 -0.08
C VAL A 15 4.39 -0.42 0.45
N CYS A 16 5.48 -0.87 0.99
CA CYS A 16 6.45 0.05 1.52
C CYS A 16 7.68 0.07 0.65
N ARG A 17 8.12 1.24 0.30
CA ARG A 17 9.31 1.35 -0.51
C ARG A 17 10.39 2.01 0.31
N ARG A 18 11.36 1.19 0.67
CA ARG A 18 12.58 1.58 1.41
C ARG A 18 12.27 2.52 2.61
N GLY A 1 11.45 3.26 2.81
CA GLY A 1 11.12 3.73 4.14
C GLY A 1 9.70 4.26 4.25
N VAL A 2 8.94 4.19 3.19
CA VAL A 2 7.59 4.70 3.23
C VAL A 2 6.62 3.59 2.92
N CYS A 3 5.66 3.40 3.77
CA CYS A 3 4.65 2.41 3.54
C CYS A 3 3.43 3.06 2.98
N ARG A 4 3.05 2.61 1.85
CA ARG A 4 1.92 3.16 1.14
C ARG A 4 0.88 2.07 0.96
N ABA A 5 -0.31 2.30 1.45
CA ABA A 5 -1.37 1.36 1.20
C ABA A 5 -2.02 1.67 -0.13
O ABA A 5 -2.52 2.77 -0.35
CB ABA A 5 -2.42 1.35 2.32
CG ABA A 5 -1.91 0.82 3.65
H ABA A 5 -0.49 3.09 2.00
HA ABA A 5 -0.93 0.37 1.13
HB3 ABA A 5 -3.26 0.73 2.01
HB2 ABA A 5 -2.77 2.37 2.48
HG1 ABA A 5 -1.63 -0.21 3.53
HG3 ABA A 5 -2.69 0.89 4.39
HG2 ABA A 5 -1.05 1.39 3.96
N VAL A 6 -1.92 0.73 -1.03
CA VAL A 6 -2.53 0.87 -2.33
C VAL A 6 -3.83 0.09 -2.32
N CYS A 7 -4.87 0.71 -2.75
CA CYS A 7 -6.13 0.07 -2.68
C CYS A 7 -6.52 -0.51 -4.03
N ARG A 8 -6.75 -1.79 -4.02
CA ARG A 8 -7.07 -2.57 -5.18
C ARG A 8 -8.32 -3.36 -4.88
N ARG A 9 -9.35 -3.15 -5.70
CA ARG A 9 -10.67 -3.79 -5.55
C ARG A 9 -11.32 -3.33 -4.24
N GLY A 10 -10.95 -2.15 -3.83
CA GLY A 10 -11.47 -1.58 -2.60
C GLY A 10 -10.80 -2.15 -1.37
N VAL A 11 -9.74 -2.90 -1.56
CA VAL A 11 -8.99 -3.50 -0.48
C VAL A 11 -7.64 -2.82 -0.43
N CYS A 12 -7.23 -2.38 0.70
CA CYS A 12 -5.99 -1.66 0.79
C CYS A 12 -4.86 -2.51 1.26
N ARG A 13 -3.93 -2.66 0.38
CA ARG A 13 -2.74 -3.48 0.59
C ARG A 13 -1.53 -2.59 0.86
N ABA A 14 -0.82 -2.87 1.92
CA ABA A 14 0.34 -2.09 2.30
C ABA A 14 1.57 -2.52 1.50
O ABA A 14 1.93 -3.70 1.47
CB ABA A 14 0.61 -2.23 3.81
CG ABA A 14 1.76 -1.38 4.32
H ABA A 14 -1.06 -3.63 2.49
HA ABA A 14 0.14 -1.06 2.09
HB3 ABA A 14 0.84 -3.25 4.03
HB2 ABA A 14 -0.27 -1.93 4.36
HG1 ABA A 14 1.56 -0.34 4.12
HG3 ABA A 14 2.67 -1.67 3.81
HG2 ABA A 14 1.88 -1.53 5.38
N VAL A 15 2.17 -1.57 0.82
CA VAL A 15 3.40 -1.79 0.09
C VAL A 15 4.43 -0.81 0.62
N CYS A 16 5.52 -1.30 1.11
CA CYS A 16 6.54 -0.45 1.67
C CYS A 16 7.71 -0.30 0.71
N ARG A 17 8.15 0.93 0.54
CA ARG A 17 9.24 1.24 -0.38
C ARG A 17 10.01 2.47 0.08
N ARG A 18 11.32 2.33 0.19
CA ARG A 18 12.26 3.41 0.55
C ARG A 18 11.86 4.09 1.88
N GLY A 1 11.54 2.47 2.81
CA GLY A 1 11.22 3.16 4.03
C GLY A 1 9.95 3.94 3.95
N VAL A 2 9.30 3.94 2.82
CA VAL A 2 8.07 4.69 2.64
C VAL A 2 6.92 3.72 2.46
N CYS A 3 5.96 3.78 3.33
CA CYS A 3 4.82 2.94 3.20
C CYS A 3 3.71 3.64 2.51
N ARG A 4 3.25 3.03 1.48
CA ARG A 4 2.19 3.59 0.69
C ARG A 4 0.94 2.72 0.90
N ABA A 5 -0.11 3.31 1.39
CA ABA A 5 -1.35 2.61 1.60
C ABA A 5 -2.30 2.94 0.46
O ABA A 5 -2.71 4.10 0.31
CB ABA A 5 -1.97 2.96 2.96
CG ABA A 5 -3.23 2.19 3.28
H ABA A 5 -0.05 4.26 1.63
HA ABA A 5 -1.14 1.55 1.56
HB3 ABA A 5 -2.20 4.02 2.98
HB2 ABA A 5 -1.25 2.75 3.74
HG1 ABA A 5 -3.02 1.13 3.26
HG3 ABA A 5 -3.99 2.40 2.54
HG2 ABA A 5 -3.59 2.46 4.25
N VAL A 6 -2.61 1.95 -0.31
CA VAL A 6 -3.50 2.09 -1.43
C VAL A 6 -4.54 1.00 -1.39
N CYS A 7 -5.55 1.14 -2.18
CA CYS A 7 -6.56 0.13 -2.25
C CYS A 7 -6.81 -0.22 -3.70
N ARG A 8 -6.97 -1.47 -3.97
CA ARG A 8 -7.16 -1.90 -5.31
C ARG A 8 -8.24 -2.96 -5.37
N ARG A 9 -9.37 -2.57 -5.94
CA ARG A 9 -10.53 -3.44 -6.13
C ARG A 9 -11.00 -4.01 -4.78
N GLY A 10 -11.00 -3.15 -3.78
CA GLY A 10 -11.47 -3.50 -2.48
C GLY A 10 -10.39 -4.05 -1.59
N VAL A 11 -9.24 -4.31 -2.15
CA VAL A 11 -8.15 -4.87 -1.38
C VAL A 11 -7.21 -3.77 -1.01
N CYS A 12 -7.18 -3.43 0.23
CA CYS A 12 -6.28 -2.42 0.68
C CYS A 12 -4.97 -3.01 1.09
N ARG A 13 -3.94 -2.44 0.55
CA ARG A 13 -2.60 -2.92 0.78
C ARG A 13 -1.70 -1.76 1.19
N ABA A 14 -0.86 -2.01 2.17
CA ABA A 14 0.11 -1.03 2.59
C ABA A 14 1.48 -1.53 2.17
O ABA A 14 2.15 -2.29 2.89
CB ABA A 14 0.04 -0.80 4.11
CG ABA A 14 0.97 0.29 4.61
H ABA A 14 -0.85 -2.88 2.61
HA ABA A 14 -0.09 -0.12 2.06
HB3 ABA A 14 0.29 -1.72 4.62
HB2 ABA A 14 -0.97 -0.52 4.37
HG1 ABA A 14 0.84 0.41 5.68
HG3 ABA A 14 0.72 1.22 4.11
HG2 ABA A 14 1.98 0.02 4.39
N VAL A 15 1.90 -1.11 1.00
CA VAL A 15 3.15 -1.55 0.41
C VAL A 15 4.27 -0.64 0.89
N CYS A 16 5.26 -1.21 1.50
CA CYS A 16 6.35 -0.42 1.97
C CYS A 16 7.54 -0.55 1.03
N ARG A 17 8.09 0.58 0.65
CA ARG A 17 9.16 0.62 -0.31
C ARG A 17 10.15 1.72 0.02
N ARG A 18 11.39 1.31 0.30
CA ARG A 18 12.51 2.22 0.61
C ARG A 18 12.19 3.08 1.84
N GLY A 1 11.35 3.16 2.53
CA GLY A 1 11.09 3.40 3.93
C GLY A 1 9.74 4.03 4.17
N VAL A 2 8.93 4.16 3.13
CA VAL A 2 7.63 4.76 3.25
C VAL A 2 6.60 3.70 2.93
N CYS A 3 5.64 3.56 3.78
CA CYS A 3 4.62 2.58 3.56
C CYS A 3 3.40 3.20 2.92
N ARG A 4 2.99 2.59 1.86
CA ARG A 4 1.87 3.02 1.06
C ARG A 4 0.78 1.96 1.09
N ABA A 5 -0.41 2.38 1.34
CA ABA A 5 -1.55 1.50 1.30
C ABA A 5 -2.17 1.60 -0.08
O ABA A 5 -2.89 2.56 -0.38
CB ABA A 5 -2.58 1.87 2.38
CG ABA A 5 -2.04 1.76 3.79
H ABA A 5 -0.58 3.32 1.57
HA ABA A 5 -1.20 0.50 1.45
HB3 ABA A 5 -3.43 1.21 2.30
HB2 ABA A 5 -2.89 2.89 2.23
HG1 ABA A 5 -1.18 2.41 3.91
HG3 ABA A 5 -1.73 0.74 3.99
HG2 ABA A 5 -2.80 2.05 4.49
N VAL A 6 -1.85 0.68 -0.94
CA VAL A 6 -2.37 0.70 -2.29
C VAL A 6 -3.68 -0.08 -2.36
N CYS A 7 -4.70 0.55 -2.81
CA CYS A 7 -5.97 -0.10 -2.87
C CYS A 7 -6.22 -0.71 -4.22
N ARG A 8 -6.73 -1.91 -4.14
CA ARG A 8 -7.10 -2.67 -5.29
C ARG A 8 -8.45 -3.29 -5.00
N ARG A 9 -9.44 -2.90 -5.79
CA ARG A 9 -10.83 -3.36 -5.65
C ARG A 9 -11.37 -3.06 -4.25
N GLY A 10 -11.01 -1.90 -3.73
CA GLY A 10 -11.49 -1.45 -2.45
C GLY A 10 -10.71 -2.02 -1.28
N VAL A 11 -9.71 -2.82 -1.56
CA VAL A 11 -8.91 -3.43 -0.51
C VAL A 11 -7.51 -2.86 -0.55
N CYS A 12 -7.09 -2.26 0.53
CA CYS A 12 -5.75 -1.72 0.60
C CYS A 12 -4.73 -2.70 1.04
N ARG A 13 -3.71 -2.75 0.27
CA ARG A 13 -2.57 -3.57 0.52
C ARG A 13 -1.43 -2.67 0.99
N ABA A 14 -0.83 -2.99 2.11
CA ABA A 14 0.25 -2.20 2.64
C ABA A 14 1.58 -2.66 2.06
O ABA A 14 2.03 -3.78 2.29
CB ABA A 14 0.28 -2.27 4.18
CG ABA A 14 1.36 -1.44 4.82
H ABA A 14 -1.12 -3.79 2.60
HA ABA A 14 0.09 -1.17 2.35
HB3 ABA A 14 0.43 -3.31 4.47
HB2 ABA A 14 -0.67 -1.94 4.56
HG1 ABA A 14 1.22 -0.40 4.57
HG3 ABA A 14 2.33 -1.77 4.48
HG2 ABA A 14 1.31 -1.56 5.90
N VAL A 15 2.17 -1.82 1.24
CA VAL A 15 3.44 -2.09 0.63
C VAL A 15 4.42 -0.99 1.04
N CYS A 16 5.62 -1.33 1.36
CA CYS A 16 6.56 -0.32 1.78
C CYS A 16 7.67 -0.17 0.77
N ARG A 17 8.04 1.05 0.49
CA ARG A 17 9.07 1.34 -0.48
C ARG A 17 9.79 2.61 -0.08
N ARG A 18 11.12 2.56 -0.07
CA ARG A 18 11.99 3.69 0.26
C ARG A 18 11.78 4.11 1.74
#